data_3QP3
#
_entry.id   3QP3
#
_cell.length_a   63.494
_cell.length_b   63.494
_cell.length_c   151.023
_cell.angle_alpha   90.00
_cell.angle_beta   90.00
_cell.angle_gamma   90.00
#
_symmetry.space_group_name_H-M   'P 41 21 2'
#
loop_
_entity.id
_entity.type
_entity.pdbx_description
1 polymer Titin
2 non-polymer 'SULFATE ION'
3 water water
#
_entity_poly.entity_id   1
_entity_poly.type   'polypeptide(L)'
_entity_poly.pdbx_seq_one_letter_code
;GPFTLDHAPRITLRMRSHRVPCGQNTRFILNVQSKPTAEVKWYHNGVELQESSKIHYTNTSGVLTLEILDCHTDDSGTYR
AVCTNYKGEASDYATLDVTGGDY
;
_entity_poly.pdbx_strand_id   A,B,C
#
loop_
_chem_comp.id
_chem_comp.type
_chem_comp.name
_chem_comp.formula
SO4 non-polymer 'SULFATE ION' 'O4 S -2'
#
# COMPACT_ATOMS: atom_id res chain seq x y z
N GLY A 1 32.89 -20.14 -27.35
CA GLY A 1 31.59 -20.71 -27.06
C GLY A 1 30.56 -19.64 -26.75
N PRO A 2 29.27 -19.99 -26.86
CA PRO A 2 28.18 -19.04 -26.60
C PRO A 2 28.09 -18.58 -25.14
N PHE A 3 28.69 -19.34 -24.22
CA PHE A 3 28.62 -18.99 -22.79
C PHE A 3 29.97 -18.55 -22.21
N THR A 4 30.95 -18.33 -23.07
CA THR A 4 32.28 -17.95 -22.62
C THR A 4 32.29 -16.58 -21.94
N LEU A 5 31.46 -15.66 -22.43
CA LEU A 5 31.40 -14.30 -21.88
C LEU A 5 30.44 -14.19 -20.68
N ASP A 6 29.79 -15.28 -20.32
CA ASP A 6 28.94 -15.29 -19.13
C ASP A 6 29.79 -14.96 -17.90
N HIS A 7 29.23 -14.18 -16.99
CA HIS A 7 29.96 -13.77 -15.79
C HIS A 7 28.99 -13.47 -14.66
N ALA A 8 29.46 -13.61 -13.43
CA ALA A 8 28.65 -13.30 -12.27
C ALA A 8 28.30 -11.82 -12.30
N PRO A 9 27.19 -11.44 -11.65
CA PRO A 9 26.77 -10.03 -11.64
C PRO A 9 27.90 -9.12 -11.17
N ARG A 10 28.01 -7.95 -11.80
CA ARG A 10 29.06 -6.98 -11.47
C ARG A 10 28.41 -5.63 -11.22
N ILE A 11 28.47 -5.17 -9.99
CA ILE A 11 27.87 -3.90 -9.65
C ILE A 11 28.86 -2.77 -9.89
N THR A 12 28.60 -1.95 -10.91
CA THR A 12 29.57 -0.93 -11.32
C THR A 12 29.29 0.43 -10.69
N LEU A 13 28.07 0.58 -10.18
CA LEU A 13 27.70 1.79 -9.46
C LEU A 13 26.97 1.36 -8.20
N ARG A 14 27.50 1.72 -7.05
CA ARG A 14 26.93 1.24 -5.81
C ARG A 14 26.05 2.29 -5.15
N MET A 15 25.11 1.83 -4.33
CA MET A 15 24.19 2.69 -3.61
C MET A 15 24.94 3.61 -2.67
N ARG A 16 24.37 4.77 -2.38
CA ARG A 16 25.00 5.70 -1.47
C ARG A 16 24.14 5.87 -0.22
N SER A 17 24.71 5.53 0.93
CA SER A 17 24.03 5.75 2.20
C SER A 17 23.78 7.23 2.30
N HIS A 18 22.64 7.63 2.86
CA HIS A 18 22.32 9.05 2.92
C HIS A 18 21.22 9.37 3.93
N ARG A 19 21.06 10.65 4.19
CA ARG A 19 20.02 11.14 5.09
C ARG A 19 18.83 11.61 4.28
N VAL A 20 17.64 11.51 4.89
CA VAL A 20 16.43 12.09 4.31
C VAL A 20 15.56 12.62 5.45
N PRO A 21 15.00 13.83 5.27
CA PRO A 21 14.13 14.39 6.31
C PRO A 21 12.85 13.58 6.39
N CYS A 22 12.37 13.35 7.59
CA CYS A 22 11.14 12.61 7.80
C CYS A 22 10.02 13.19 6.92
N GLY A 23 9.34 12.33 6.19
CA GLY A 23 8.24 12.77 5.35
C GLY A 23 8.60 12.86 3.88
N GLN A 24 9.87 13.07 3.58
CA GLN A 24 10.25 13.14 2.17
C GLN A 24 10.31 11.76 1.54
N ASN A 25 10.27 11.71 0.21
CA ASN A 25 10.56 10.50 -0.53
C ASN A 25 12.04 10.47 -0.82
N THR A 26 12.60 9.28 -1.00
CA THR A 26 14.03 9.17 -1.24
C THR A 26 14.30 8.00 -2.18
N ARG A 27 15.48 7.97 -2.77
CA ARG A 27 15.82 6.93 -3.76
C ARG A 27 17.21 6.38 -3.54
N PHE A 28 17.37 5.09 -3.83
CA PHE A 28 18.68 4.46 -3.96
C PHE A 28 18.85 4.05 -5.41
N ILE A 29 20.08 4.16 -5.92
CA ILE A 29 20.37 3.79 -7.30
C ILE A 29 21.61 2.92 -7.34
N LEU A 30 21.58 1.87 -8.14
CA LEU A 30 22.78 1.14 -8.47
C LEU A 30 22.70 0.60 -9.89
N ASN A 31 23.82 0.11 -10.39
CA ASN A 31 23.89 -0.43 -11.74
C ASN A 31 24.59 -1.76 -11.68
N VAL A 32 23.98 -2.77 -12.29
CA VAL A 32 24.59 -4.08 -12.36
C VAL A 32 24.77 -4.51 -13.82
N GLN A 33 25.92 -5.14 -14.09
CA GLN A 33 26.18 -5.77 -15.38
C GLN A 33 26.29 -7.27 -15.15
N SER A 34 25.46 -8.05 -15.86
N SER A 34 25.44 -8.03 -15.86
CA SER A 34 25.36 -9.48 -15.61
CA SER A 34 25.36 -9.47 -15.65
C SER A 34 25.00 -10.27 -16.86
C SER A 34 25.09 -10.19 -16.96
N LYS A 35 25.77 -11.31 -17.16
CA LYS A 35 25.48 -12.20 -18.29
C LYS A 35 25.47 -13.67 -17.85
N PRO A 36 24.30 -14.32 -17.88
CA PRO A 36 23.03 -13.72 -18.32
C PRO A 36 22.48 -12.69 -17.33
N THR A 37 21.44 -12.00 -17.75
CA THR A 37 20.84 -10.97 -16.92
C THR A 37 20.46 -11.54 -15.57
N ALA A 38 20.74 -10.77 -14.51
CA ALA A 38 20.61 -11.27 -13.15
C ALA A 38 19.21 -11.12 -12.58
N GLU A 39 18.84 -12.03 -11.67
CA GLU A 39 17.65 -11.85 -10.85
C GLU A 39 18.00 -10.81 -9.80
N VAL A 40 17.04 -9.93 -9.49
CA VAL A 40 17.25 -8.89 -8.49
C VAL A 40 16.25 -8.99 -7.35
N LYS A 41 16.74 -9.00 -6.12
CA LYS A 41 15.87 -9.00 -4.94
C LYS A 41 16.28 -7.86 -4.02
N TRP A 42 15.28 -7.16 -3.48
CA TRP A 42 15.51 -6.02 -2.59
C TRP A 42 15.12 -6.39 -1.17
N TYR A 43 15.82 -5.82 -0.19
CA TYR A 43 15.55 -6.10 1.22
C TYR A 43 15.62 -4.84 2.07
N HIS A 44 14.76 -4.76 3.09
CA HIS A 44 14.89 -3.75 4.13
C HIS A 44 15.08 -4.46 5.46
N ASN A 45 16.22 -4.22 6.10
CA ASN A 45 16.59 -4.90 7.32
C ASN A 45 16.35 -6.40 7.29
N GLY A 46 16.80 -7.03 6.22
CA GLY A 46 16.77 -8.48 6.10
C GLY A 46 15.52 -9.05 5.47
N VAL A 47 14.45 -8.25 5.42
CA VAL A 47 13.17 -8.73 4.89
C VAL A 47 12.93 -8.30 3.43
N GLU A 48 12.63 -9.26 2.56
CA GLU A 48 12.48 -9.00 1.15
C GLU A 48 11.35 -7.99 0.87
N LEU A 49 11.65 -7.00 0.06
CA LEU A 49 10.71 -5.93 -0.28
C LEU A 49 9.83 -6.28 -1.49
N GLN A 50 8.56 -5.89 -1.41
CA GLN A 50 7.66 -6.00 -2.55
C GLN A 50 7.20 -4.60 -3.01
N GLU A 51 6.85 -4.50 -4.29
CA GLU A 51 6.20 -3.33 -4.83
C GLU A 51 4.96 -3.00 -4.00
N SER A 52 4.77 -1.74 -3.63
CA SER A 52 3.60 -1.33 -2.85
C SER A 52 3.36 0.16 -2.97
N SER A 53 2.37 0.67 -2.25
CA SER A 53 2.12 2.10 -2.26
C SER A 53 3.30 2.86 -1.65
N LYS A 54 4.10 2.15 -0.84
CA LYS A 54 5.22 2.73 -0.10
C LYS A 54 6.57 2.54 -0.80
N ILE A 55 6.69 1.45 -1.55
CA ILE A 55 7.96 0.99 -2.09
C ILE A 55 7.80 0.80 -3.59
N HIS A 56 8.64 1.46 -4.37
CA HIS A 56 8.61 1.28 -5.81
C HIS A 56 10.03 1.08 -6.35
N TYR A 57 10.34 -0.11 -6.86
CA TYR A 57 11.63 -0.30 -7.50
C TYR A 57 11.50 -0.56 -8.99
N THR A 58 12.55 -0.24 -9.73
CA THR A 58 12.55 -0.41 -11.17
C THR A 58 13.84 -1.10 -11.56
N ASN A 59 13.86 -1.58 -12.80
CA ASN A 59 15.00 -2.33 -13.29
C ASN A 59 14.97 -2.21 -14.81
N THR A 60 15.85 -1.37 -15.33
CA THR A 60 15.90 -1.16 -16.76
C THR A 60 17.30 -1.48 -17.22
N SER A 61 17.48 -2.63 -17.84
CA SER A 61 18.77 -3.01 -18.41
C SER A 61 19.90 -2.88 -17.40
N GLY A 62 19.62 -3.24 -16.15
CA GLY A 62 20.66 -3.25 -15.14
C GLY A 62 20.68 -2.02 -14.28
N VAL A 63 20.00 -0.97 -14.72
CA VAL A 63 19.91 0.24 -13.92
C VAL A 63 18.77 0.04 -12.92
N LEU A 64 19.12 -0.04 -11.64
CA LEU A 64 18.16 -0.40 -10.62
C LEU A 64 17.89 0.78 -9.73
N THR A 65 16.61 1.04 -9.48
CA THR A 65 16.23 2.13 -8.59
C THR A 65 15.27 1.62 -7.52
N LEU A 66 15.46 2.07 -6.29
CA LEU A 66 14.52 1.82 -5.22
C LEU A 66 14.04 3.14 -4.67
N GLU A 67 12.72 3.34 -4.67
CA GLU A 67 12.14 4.52 -4.06
C GLU A 67 11.37 4.15 -2.81
N ILE A 68 11.58 4.91 -1.74
CA ILE A 68 10.76 4.80 -0.54
C ILE A 68 10.00 6.12 -0.36
N LEU A 69 8.68 6.04 -0.26
CA LEU A 69 7.85 7.23 -0.12
C LEU A 69 7.55 7.56 1.34
N ASP A 70 7.45 8.85 1.62
CA ASP A 70 6.93 9.33 2.91
C ASP A 70 7.68 8.70 4.07
N CYS A 71 8.99 8.93 4.09
CA CYS A 71 9.90 8.23 4.98
C CYS A 71 9.65 8.55 6.45
N HIS A 72 9.53 7.50 7.26
CA HIS A 72 9.45 7.68 8.70
C HIS A 72 10.50 6.85 9.40
N THR A 73 10.52 6.90 10.73
CA THR A 73 11.57 6.22 11.49
C THR A 73 11.70 4.76 11.12
N ASP A 74 10.57 4.09 10.90
CA ASP A 74 10.57 2.67 10.57
C ASP A 74 11.35 2.40 9.30
N ASP A 75 11.44 3.41 8.44
CA ASP A 75 12.10 3.26 7.14
C ASP A 75 13.61 3.39 7.22
N SER A 76 14.12 3.78 8.39
CA SER A 76 15.56 3.84 8.58
C SER A 76 16.16 2.44 8.52
N GLY A 77 17.47 2.36 8.33
CA GLY A 77 18.17 1.10 8.37
C GLY A 77 18.78 0.68 7.04
N THR A 78 19.00 -0.63 6.88
CA THR A 78 19.78 -1.15 5.77
C THR A 78 18.87 -1.55 4.62
N TYR A 79 19.18 -1.04 3.43
CA TYR A 79 18.56 -1.49 2.20
C TYR A 79 19.58 -2.26 1.40
N ARG A 80 19.19 -3.43 0.92
CA ARG A 80 20.14 -4.30 0.26
C ARG A 80 19.57 -4.83 -1.05
N ALA A 81 20.36 -4.73 -2.12
CA ALA A 81 19.99 -5.32 -3.38
C ALA A 81 20.90 -6.52 -3.59
N VAL A 82 20.30 -7.63 -4.01
CA VAL A 82 21.06 -8.85 -4.24
C VAL A 82 20.81 -9.31 -5.66
N CYS A 83 21.88 -9.39 -6.44
CA CYS A 83 21.78 -9.72 -7.84
C CYS A 83 22.35 -11.09 -8.08
N THR A 84 21.57 -11.97 -8.71
CA THR A 84 21.94 -13.38 -8.84
C THR A 84 21.81 -13.92 -10.27
N ASN A 85 22.82 -14.65 -10.72
CA ASN A 85 22.73 -15.48 -11.92
C ASN A 85 23.48 -16.78 -11.68
N TYR A 86 23.49 -17.69 -12.66
CA TYR A 86 24.06 -19.01 -12.42
C TYR A 86 25.57 -18.96 -12.14
N LYS A 87 26.21 -17.86 -12.52
CA LYS A 87 27.66 -17.73 -12.32
C LYS A 87 28.03 -17.28 -10.91
N GLY A 88 27.12 -16.58 -10.24
CA GLY A 88 27.38 -16.09 -8.89
C GLY A 88 26.41 -15.02 -8.43
N GLU A 89 26.79 -14.29 -7.39
CA GLU A 89 25.93 -13.19 -6.92
C GLU A 89 26.76 -11.98 -6.56
N ALA A 90 26.12 -10.81 -6.63
CA ALA A 90 26.69 -9.57 -6.13
C ALA A 90 25.66 -8.89 -5.24
N SER A 91 26.10 -8.37 -4.11
CA SER A 91 25.22 -7.67 -3.19
C SER A 91 25.77 -6.30 -2.88
N ASP A 92 24.86 -5.36 -2.69
CA ASP A 92 25.23 -4.03 -2.31
C ASP A 92 24.25 -3.62 -1.22
N TYR A 93 24.74 -3.00 -0.17
CA TYR A 93 23.87 -2.47 0.86
C TYR A 93 24.20 -1.01 1.15
N ALA A 94 23.21 -0.29 1.67
CA ALA A 94 23.44 1.10 2.06
C ALA A 94 22.45 1.40 3.18
N THR A 95 22.70 2.49 3.89
CA THR A 95 21.94 2.83 5.08
C THR A 95 21.10 4.08 4.81
N LEU A 96 19.84 4.05 5.23
CA LEU A 96 19.01 5.25 5.17
C LEU A 96 18.85 5.79 6.57
N ASP A 97 19.17 7.07 6.73
CA ASP A 97 19.01 7.75 8.00
C ASP A 97 17.90 8.79 7.88
N VAL A 98 16.72 8.47 8.39
CA VAL A 98 15.59 9.39 8.37
C VAL A 98 15.68 10.39 9.53
N THR A 99 15.82 11.67 9.21
CA THR A 99 16.06 12.72 10.21
C THR A 99 14.89 13.67 10.39
N GLY A 100 15.05 14.64 11.28
CA GLY A 100 14.07 15.70 11.42
C GLY A 100 14.09 16.58 10.19
N GLY A 101 12.95 17.20 9.87
CA GLY A 101 12.81 18.01 8.68
C GLY A 101 13.90 19.06 8.52
N GLY B 1 9.25 -25.22 1.49
CA GLY B 1 9.57 -26.13 2.56
C GLY B 1 8.76 -25.86 3.81
N PRO B 2 9.42 -25.35 4.87
CA PRO B 2 8.76 -25.07 6.15
C PRO B 2 7.89 -23.82 6.09
N PHE B 3 8.26 -22.87 5.23
CA PHE B 3 7.53 -21.60 5.11
C PHE B 3 6.78 -21.53 3.79
N THR B 4 6.42 -22.70 3.27
CA THR B 4 5.70 -22.79 1.99
C THR B 4 4.28 -22.25 2.11
N LEU B 5 3.60 -22.58 3.22
CA LEU B 5 2.23 -22.12 3.45
C LEU B 5 2.12 -20.63 3.77
N ASP B 6 3.22 -20.02 4.21
CA ASP B 6 3.21 -18.59 4.54
C ASP B 6 2.55 -17.79 3.42
N HIS B 7 1.72 -16.81 3.79
CA HIS B 7 1.05 -15.96 2.81
C HIS B 7 0.71 -14.58 3.35
N ALA B 8 0.63 -13.61 2.45
CA ALA B 8 0.28 -12.24 2.83
C ALA B 8 -1.11 -12.20 3.45
N PRO B 9 -1.39 -11.21 4.32
CA PRO B 9 -2.70 -11.17 4.95
C PRO B 9 -3.82 -11.04 3.91
N ARG B 10 -4.97 -11.60 4.22
CA ARG B 10 -6.13 -11.46 3.35
C ARG B 10 -7.36 -11.21 4.20
N ILE B 11 -8.15 -10.21 3.82
CA ILE B 11 -9.41 -9.91 4.52
C ILE B 11 -10.49 -10.90 4.08
N THR B 12 -11.07 -11.64 5.03
CA THR B 12 -12.02 -12.68 4.68
C THR B 12 -13.44 -12.32 5.13
N LEU B 13 -13.53 -11.35 6.03
CA LEU B 13 -14.80 -10.75 6.39
C LEU B 13 -14.52 -9.27 6.58
N ARG B 14 -15.24 -8.42 5.85
N ARG B 14 -15.23 -8.41 5.85
CA ARG B 14 -14.97 -6.98 5.90
CA ARG B 14 -14.94 -6.98 5.91
C ARG B 14 -15.82 -6.26 6.93
C ARG B 14 -15.83 -6.23 6.90
N MET B 15 -15.34 -5.09 7.38
CA MET B 15 -16.11 -4.25 8.27
C MET B 15 -17.32 -3.69 7.52
N ARG B 16 -18.40 -3.43 8.27
CA ARG B 16 -19.59 -2.84 7.71
C ARG B 16 -19.76 -1.41 8.18
N SER B 17 -19.90 -0.48 7.23
CA SER B 17 -20.14 0.90 7.58
C SER B 17 -21.50 0.97 8.24
N HIS B 18 -21.66 1.89 9.18
CA HIS B 18 -22.93 2.01 9.83
C HIS B 18 -23.05 3.32 10.57
N ARG B 19 -24.26 3.56 11.08
CA ARG B 19 -24.59 4.79 11.78
C ARG B 19 -24.76 4.47 13.25
N VAL B 20 -24.50 5.45 14.09
CA VAL B 20 -24.65 5.29 15.51
C VAL B 20 -25.14 6.62 16.07
N PRO B 21 -26.15 6.58 16.95
CA PRO B 21 -26.63 7.82 17.56
C PRO B 21 -25.57 8.36 18.52
N CYS B 22 -25.47 9.68 18.62
N CYS B 22 -25.47 9.68 18.62
CA CYS B 22 -24.54 10.32 19.52
CA CYS B 22 -24.54 10.31 19.54
C CYS B 22 -24.68 9.77 20.94
C CYS B 22 -24.69 9.71 20.94
N GLY B 23 -23.56 9.40 21.55
CA GLY B 23 -23.55 8.94 22.93
C GLY B 23 -23.47 7.43 23.07
N GLN B 24 -23.93 6.71 22.05
CA GLN B 24 -23.88 5.25 22.06
C GLN B 24 -22.47 4.75 21.77
N ASN B 25 -22.18 3.53 22.23
CA ASN B 25 -20.91 2.89 21.88
C ASN B 25 -21.11 2.19 20.56
N THR B 26 -20.02 1.92 19.85
CA THR B 26 -20.14 1.18 18.61
C THR B 26 -18.93 0.25 18.40
N ARG B 27 -19.12 -0.73 17.54
CA ARG B 27 -18.09 -1.72 17.30
C ARG B 27 -17.97 -2.03 15.82
N PHE B 28 -16.74 -2.28 15.38
CA PHE B 28 -16.46 -2.77 14.04
C PHE B 28 -15.79 -4.13 14.19
N ILE B 29 -16.00 -5.01 13.22
CA ILE B 29 -15.31 -6.29 13.23
C ILE B 29 -14.88 -6.71 11.84
N LEU B 30 -13.70 -7.33 11.77
CA LEU B 30 -13.28 -7.96 10.53
C LEU B 30 -12.52 -9.24 10.82
N ASN B 31 -12.26 -10.00 9.76
CA ASN B 31 -11.47 -11.21 9.92
C ASN B 31 -10.35 -11.20 8.91
N VAL B 32 -9.14 -11.53 9.37
CA VAL B 32 -7.98 -11.56 8.49
C VAL B 32 -7.32 -12.92 8.60
N GLN B 33 -7.01 -13.53 7.47
CA GLN B 33 -6.21 -14.75 7.46
C GLN B 33 -4.78 -14.39 7.07
N SER B 34 -3.82 -14.87 7.84
CA SER B 34 -2.42 -14.57 7.56
C SER B 34 -1.49 -15.53 8.28
N LYS B 35 -0.40 -15.87 7.62
CA LYS B 35 0.63 -16.72 8.21
C LYS B 35 1.97 -16.22 7.68
N PRO B 36 2.84 -15.75 8.58
CA PRO B 36 2.66 -15.60 10.03
C PRO B 36 1.52 -14.64 10.38
N THR B 37 1.03 -14.74 11.61
CA THR B 37 -0.03 -13.84 12.06
C THR B 37 0.46 -12.39 11.89
N ALA B 38 -0.46 -11.54 11.45
CA ALA B 38 -0.15 -10.18 11.05
C ALA B 38 -0.02 -9.21 12.20
N GLU B 39 0.83 -8.20 12.02
CA GLU B 39 0.75 -6.98 12.83
C GLU B 39 -0.48 -6.19 12.38
N VAL B 40 -1.16 -5.55 13.32
CA VAL B 40 -2.37 -4.80 13.01
C VAL B 40 -2.26 -3.38 13.53
N LYS B 41 -2.57 -2.42 12.66
CA LYS B 41 -2.64 -1.01 13.05
C LYS B 41 -3.98 -0.44 12.64
N TRP B 42 -4.55 0.40 13.50
CA TRP B 42 -5.84 1.01 13.22
C TRP B 42 -5.67 2.50 12.98
N TYR B 43 -6.56 3.07 12.16
CA TYR B 43 -6.53 4.48 11.77
C TYR B 43 -7.93 5.06 11.76
N HIS B 44 -8.05 6.34 12.13
CA HIS B 44 -9.31 7.08 12.04
C HIS B 44 -9.01 8.27 11.15
N ASN B 45 -9.68 8.36 10.01
CA ASN B 45 -9.44 9.46 9.07
C ASN B 45 -7.93 9.63 8.80
N GLY B 46 -7.23 8.51 8.59
CA GLY B 46 -5.83 8.57 8.21
C GLY B 46 -4.85 8.73 9.36
N VAL B 47 -5.35 8.85 10.58
CA VAL B 47 -4.47 9.08 11.72
C VAL B 47 -4.46 7.84 12.62
N GLU B 48 -3.27 7.34 12.92
CA GLU B 48 -3.20 6.08 13.68
C GLU B 48 -3.86 6.20 15.04
N LEU B 49 -4.66 5.19 15.40
CA LEU B 49 -5.32 5.12 16.71
C LEU B 49 -4.42 4.42 17.72
N GLN B 50 -4.65 4.74 19.00
CA GLN B 50 -3.98 4.03 20.10
C GLN B 50 -5.02 3.61 21.14
N GLU B 51 -4.72 2.53 21.86
CA GLU B 51 -5.61 2.08 22.94
C GLU B 51 -5.80 3.23 23.93
N SER B 52 -7.03 3.39 24.41
CA SER B 52 -7.34 4.42 25.39
C SER B 52 -8.60 4.00 26.13
N SER B 53 -9.08 4.84 27.04
CA SER B 53 -10.31 4.55 27.73
C SER B 53 -11.50 4.59 26.76
N LYS B 54 -11.30 5.21 25.61
CA LYS B 54 -12.35 5.38 24.61
C LYS B 54 -12.25 4.37 23.46
N ILE B 55 -11.01 4.04 23.08
CA ILE B 55 -10.75 3.16 21.96
C ILE B 55 -10.16 1.85 22.45
N HIS B 56 -10.82 0.74 22.13
CA HIS B 56 -10.24 -0.56 22.41
C HIS B 56 -10.31 -1.47 21.20
N TYR B 57 -9.15 -1.87 20.71
CA TYR B 57 -9.09 -2.81 19.61
C TYR B 57 -8.34 -4.05 20.05
N THR B 58 -8.84 -5.20 19.62
CA THR B 58 -8.23 -6.47 19.97
C THR B 58 -8.03 -7.33 18.73
N ASN B 59 -7.14 -8.32 18.86
CA ASN B 59 -6.88 -9.31 17.84
C ASN B 59 -6.95 -10.67 18.49
N THR B 60 -7.99 -11.43 18.17
CA THR B 60 -8.14 -12.78 18.71
C THR B 60 -8.18 -13.74 17.54
N SER B 61 -7.07 -14.42 17.31
CA SER B 61 -6.95 -15.41 16.24
C SER B 61 -7.45 -14.94 14.88
N GLY B 62 -7.05 -13.75 14.47
CA GLY B 62 -7.43 -13.24 13.17
C GLY B 62 -8.70 -12.42 13.20
N VAL B 63 -9.48 -12.59 14.26
CA VAL B 63 -10.68 -11.78 14.45
C VAL B 63 -10.32 -10.43 15.09
N LEU B 64 -10.53 -9.36 14.34
CA LEU B 64 -10.10 -8.04 14.78
C LEU B 64 -11.33 -7.24 15.14
N THR B 65 -11.35 -6.70 16.36
N THR B 65 -11.35 -6.70 16.35
CA THR B 65 -12.46 -5.88 16.79
CA THR B 65 -12.48 -5.88 16.79
C THR B 65 -12.00 -4.50 17.21
C THR B 65 -12.03 -4.50 17.24
N LEU B 66 -12.82 -3.49 16.91
CA LEU B 66 -12.56 -2.13 17.35
C LEU B 66 -13.83 -1.61 18.03
N GLU B 67 -13.69 -1.20 19.28
CA GLU B 67 -14.78 -0.54 19.98
C GLU B 67 -14.49 0.94 20.20
N ILE B 68 -15.51 1.75 19.92
CA ILE B 68 -15.45 3.19 20.16
C ILE B 68 -16.53 3.56 21.17
N LEU B 69 -16.12 4.07 22.32
CA LEU B 69 -17.08 4.40 23.36
C LEU B 69 -17.60 5.84 23.23
N ASP B 70 -18.89 6.01 23.53
CA ASP B 70 -19.47 7.34 23.72
C ASP B 70 -19.22 8.19 22.48
N CYS B 71 -19.74 7.72 21.35
CA CYS B 71 -19.47 8.36 20.05
C CYS B 71 -20.02 9.79 19.96
N HIS B 72 -19.17 10.70 19.52
CA HIS B 72 -19.57 12.08 19.28
C HIS B 72 -19.31 12.41 17.82
N THR B 73 -19.68 13.60 17.39
CA THR B 73 -19.63 13.92 15.95
C THR B 73 -18.23 13.79 15.37
N ASP B 74 -17.23 14.18 16.15
CA ASP B 74 -15.83 14.07 15.73
C ASP B 74 -15.38 12.62 15.50
N ASP B 75 -16.16 11.65 15.97
CA ASP B 75 -15.81 10.22 15.79
C ASP B 75 -16.26 9.68 14.43
N SER B 76 -17.07 10.44 13.70
CA SER B 76 -17.49 10.06 12.35
C SER B 76 -16.29 9.97 11.42
N GLY B 77 -16.46 9.27 10.31
CA GLY B 77 -15.43 9.21 9.30
C GLY B 77 -14.96 7.79 9.07
N THR B 78 -13.75 7.64 8.54
CA THR B 78 -13.29 6.30 8.19
C THR B 78 -12.50 5.65 9.30
N TYR B 79 -12.68 4.34 9.46
CA TYR B 79 -11.83 3.55 10.34
C TYR B 79 -11.17 2.46 9.50
N ARG B 80 -9.86 2.34 9.60
CA ARG B 80 -9.13 1.42 8.73
C ARG B 80 -8.21 0.50 9.51
N ALA B 81 -8.30 -0.80 9.24
CA ALA B 81 -7.34 -1.75 9.79
C ALA B 81 -6.30 -2.11 8.73
N VAL B 82 -5.04 -1.96 9.08
CA VAL B 82 -3.94 -2.34 8.20
C VAL B 82 -3.22 -3.54 8.79
N CYS B 83 -3.20 -4.64 8.03
CA CYS B 83 -2.63 -5.88 8.51
C CYS B 83 -1.40 -6.23 7.69
N THR B 84 -0.26 -6.40 8.36
N THR B 84 -0.27 -6.41 8.38
CA THR B 84 0.97 -6.67 7.65
CA THR B 84 0.99 -6.62 7.69
C THR B 84 1.71 -7.87 8.19
C THR B 84 1.72 -7.87 8.20
N ASN B 85 2.30 -8.64 7.29
CA ASN B 85 3.31 -9.63 7.67
C ASN B 85 4.43 -9.53 6.62
N TYR B 86 5.44 -10.38 6.70
CA TYR B 86 6.60 -10.18 5.82
C TYR B 86 6.27 -10.42 4.35
N LYS B 87 5.17 -11.14 4.07
CA LYS B 87 4.78 -11.46 2.70
C LYS B 87 3.94 -10.35 2.04
N GLY B 88 3.30 -9.52 2.85
CA GLY B 88 2.57 -8.41 2.27
C GLY B 88 1.65 -7.76 3.26
N GLU B 89 0.66 -7.04 2.73
CA GLU B 89 -0.19 -6.19 3.52
C GLU B 89 -1.61 -6.33 2.97
N ALA B 90 -2.60 -6.23 3.85
CA ALA B 90 -4.01 -6.17 3.44
C ALA B 90 -4.68 -5.14 4.33
N SER B 91 -5.64 -4.41 3.76
CA SER B 91 -6.31 -3.39 4.54
C SER B 91 -7.80 -3.30 4.22
N ASP B 92 -8.55 -2.73 5.16
CA ASP B 92 -9.99 -2.65 5.05
C ASP B 92 -10.45 -1.43 5.83
N TYR B 93 -11.30 -0.60 5.23
CA TYR B 93 -11.85 0.56 5.94
C TYR B 93 -13.37 0.46 5.90
N ALA B 94 -14.02 1.07 6.88
CA ALA B 94 -15.46 1.27 6.83
C ALA B 94 -15.73 2.66 7.37
N THR B 95 -16.97 3.10 7.26
CA THR B 95 -17.30 4.47 7.60
C THR B 95 -18.25 4.49 8.79
N LEU B 96 -18.01 5.41 9.71
CA LEU B 96 -18.91 5.61 10.84
C LEU B 96 -19.61 6.95 10.65
N ASP B 97 -20.93 6.93 10.78
CA ASP B 97 -21.71 8.15 10.74
C ASP B 97 -22.39 8.31 12.09
N VAL B 98 -21.89 9.26 12.90
CA VAL B 98 -22.50 9.51 14.19
C VAL B 98 -23.63 10.53 14.01
N THR B 99 -24.87 10.09 14.23
CA THR B 99 -26.04 10.92 13.98
C THR B 99 -26.50 11.67 15.23
N GLY B 100 -27.15 12.81 15.01
CA GLY B 100 -27.64 13.63 16.11
C GLY B 100 -26.57 14.54 16.69
N THR C 4 4.42 27.50 2.15
CA THR C 4 5.32 26.36 1.93
C THR C 4 5.14 25.79 0.53
N LEU C 5 6.12 25.02 0.08
CA LEU C 5 5.99 24.28 -1.18
C LEU C 5 5.19 23.01 -0.91
N ASP C 6 5.69 22.20 0.02
CA ASP C 6 4.98 20.98 0.43
C ASP C 6 3.53 21.24 0.78
N HIS C 7 2.64 20.38 0.29
CA HIS C 7 1.22 20.51 0.58
C HIS C 7 0.57 19.13 0.56
N ALA C 8 -0.59 19.00 1.17
CA ALA C 8 -1.31 17.74 1.18
C ALA C 8 -1.79 17.43 -0.24
N PRO C 9 -1.98 16.14 -0.55
CA PRO C 9 -2.40 15.82 -1.91
C PRO C 9 -3.67 16.55 -2.28
N ARG C 10 -3.75 17.01 -3.52
CA ARG C 10 -4.94 17.70 -4.00
C ARG C 10 -5.40 17.00 -5.25
N ILE C 11 -6.60 16.45 -5.21
CA ILE C 11 -7.17 15.83 -6.40
C ILE C 11 -7.81 16.88 -7.32
N THR C 12 -7.15 17.10 -8.45
CA THR C 12 -7.51 18.19 -9.35
C THR C 12 -8.45 17.72 -10.47
N LEU C 13 -8.52 16.42 -10.69
CA LEU C 13 -9.45 15.81 -11.61
C LEU C 13 -10.04 14.56 -10.94
N ARG C 14 -11.33 14.52 -10.76
CA ARG C 14 -11.93 13.44 -9.99
C ARG C 14 -12.48 12.30 -10.85
N MET C 15 -12.63 11.14 -10.24
CA MET C 15 -13.20 9.96 -10.89
C MET C 15 -14.64 10.22 -11.26
N ARG C 16 -15.11 9.51 -12.28
CA ARG C 16 -16.49 9.63 -12.71
C ARG C 16 -17.25 8.33 -12.40
N SER C 17 -18.23 8.42 -11.52
CA SER C 17 -19.11 7.28 -11.29
C SER C 17 -19.79 6.95 -12.61
N HIS C 18 -19.93 5.66 -12.90
CA HIS C 18 -20.46 5.29 -14.21
C HIS C 18 -20.95 3.85 -14.26
N ARG C 19 -21.68 3.54 -15.32
CA ARG C 19 -22.17 2.20 -15.60
C ARG C 19 -21.27 1.55 -16.61
N VAL C 20 -21.26 0.22 -16.63
CA VAL C 20 -20.54 -0.51 -17.66
C VAL C 20 -21.30 -1.80 -17.90
N PRO C 21 -21.50 -2.19 -19.16
CA PRO C 21 -22.26 -3.41 -19.40
C PRO C 21 -21.48 -4.64 -18.95
N CYS C 22 -22.16 -5.65 -18.43
CA CYS C 22 -21.49 -6.87 -17.99
C CYS C 22 -20.58 -7.38 -19.09
N GLY C 23 -19.37 -7.78 -18.70
CA GLY C 23 -18.42 -8.36 -19.65
C GLY C 23 -17.39 -7.38 -20.17
N GLN C 24 -17.77 -6.11 -20.26
CA GLN C 24 -16.87 -5.10 -20.79
C GLN C 24 -15.77 -4.78 -19.80
N ASN C 25 -14.66 -4.23 -20.28
CA ASN C 25 -13.63 -3.71 -19.40
C ASN C 25 -14.01 -2.27 -19.00
N THR C 26 -13.47 -1.77 -17.90
CA THR C 26 -13.76 -0.38 -17.54
C THR C 26 -12.56 0.26 -16.81
N ARG C 27 -12.59 1.58 -16.69
CA ARG C 27 -11.50 2.28 -16.04
C ARG C 27 -12.04 3.45 -15.24
N PHE C 28 -11.36 3.75 -14.14
CA PHE C 28 -11.57 5.00 -13.42
C PHE C 28 -10.26 5.79 -13.57
N ILE C 29 -10.39 7.10 -13.70
CA ILE C 29 -9.24 7.98 -13.91
C ILE C 29 -9.36 9.19 -13.00
N LEU C 30 -8.27 9.56 -12.37
CA LEU C 30 -8.19 10.78 -11.59
C LEU C 30 -6.79 11.37 -11.69
N ASN C 31 -6.65 12.59 -11.23
CA ASN C 31 -5.32 13.20 -11.19
C ASN C 31 -5.05 13.80 -9.83
N VAL C 32 -3.87 13.52 -9.28
CA VAL C 32 -3.51 14.07 -7.99
C VAL C 32 -2.27 14.94 -8.11
N GLN C 33 -2.35 16.14 -7.53
CA GLN C 33 -1.22 17.05 -7.48
C GLN C 33 -0.71 17.07 -6.05
N SER C 34 0.53 16.66 -5.86
CA SER C 34 1.03 16.37 -4.52
C SER C 34 2.54 16.65 -4.41
N LYS C 35 2.96 17.22 -3.28
CA LYS C 35 4.38 17.46 -3.03
C LYS C 35 4.70 17.35 -1.55
N PRO C 36 5.47 16.32 -1.16
CA PRO C 36 6.04 15.26 -1.98
C PRO C 36 4.97 14.45 -2.72
N THR C 37 5.33 13.78 -3.81
CA THR C 37 4.38 12.96 -4.55
C THR C 37 3.81 11.94 -3.59
N ALA C 38 2.55 11.57 -3.81
CA ALA C 38 1.78 10.83 -2.82
C ALA C 38 1.87 9.32 -2.99
N GLU C 39 1.63 8.61 -1.90
CA GLU C 39 1.39 7.16 -1.93
C GLU C 39 -0.05 6.98 -2.35
N VAL C 40 -0.31 5.99 -3.18
CA VAL C 40 -1.67 5.80 -3.72
C VAL C 40 -2.14 4.42 -3.38
N LYS C 41 -3.30 4.32 -2.71
CA LYS C 41 -3.96 3.03 -2.50
C LYS C 41 -5.36 3.01 -3.10
N TRP C 42 -5.77 1.85 -3.62
CA TRP C 42 -7.09 1.70 -4.22
C TRP C 42 -7.89 0.71 -3.40
N TYR C 43 -9.20 0.97 -3.25
CA TYR C 43 -10.11 0.08 -2.50
C TYR C 43 -11.38 -0.23 -3.31
N HIS C 44 -11.97 -1.40 -3.09
CA HIS C 44 -13.30 -1.74 -3.63
C HIS C 44 -14.17 -2.20 -2.48
N ASN C 45 -15.27 -1.49 -2.26
CA ASN C 45 -16.16 -1.80 -1.15
C ASN C 45 -15.42 -1.99 0.17
N GLY C 46 -14.46 -1.10 0.44
CA GLY C 46 -13.77 -1.08 1.72
C GLY C 46 -12.42 -1.79 1.76
N VAL C 47 -12.23 -2.76 0.88
CA VAL C 47 -11.06 -3.63 0.91
C VAL C 47 -10.01 -3.22 -0.12
N GLU C 48 -8.76 -3.09 0.32
CA GLU C 48 -7.69 -2.63 -0.55
C GLU C 48 -7.46 -3.59 -1.70
N LEU C 49 -7.27 -3.03 -2.89
CA LEU C 49 -7.03 -3.85 -4.09
C LEU C 49 -5.54 -4.10 -4.29
N GLN C 50 -5.19 -5.20 -4.96
CA GLN C 50 -3.82 -5.43 -5.40
C GLN C 50 -3.80 -5.68 -6.92
N GLU C 51 -2.64 -5.45 -7.54
CA GLU C 51 -2.49 -5.78 -8.96
C GLU C 51 -2.81 -7.26 -9.18
N SER C 52 -3.61 -7.57 -10.20
CA SER C 52 -3.90 -8.96 -10.55
C SER C 52 -4.18 -9.09 -12.05
N SER C 53 -4.59 -10.27 -12.48
CA SER C 53 -4.84 -10.47 -13.90
C SER C 53 -6.11 -9.71 -14.27
N LYS C 54 -6.91 -9.39 -13.25
CA LYS C 54 -8.16 -8.67 -13.45
C LYS C 54 -8.04 -7.16 -13.18
N ILE C 55 -7.22 -6.82 -12.18
CA ILE C 55 -7.08 -5.44 -11.70
C ILE C 55 -5.71 -4.88 -12.06
N HIS C 56 -5.70 -3.73 -12.72
CA HIS C 56 -4.44 -3.06 -13.03
C HIS C 56 -4.57 -1.56 -12.78
N TYR C 57 -3.84 -1.05 -11.81
CA TYR C 57 -3.80 0.39 -11.58
C TYR C 57 -2.41 0.91 -11.91
N THR C 58 -2.34 2.16 -12.38
CA THR C 58 -1.09 2.78 -12.76
C THR C 58 -1.01 4.20 -12.25
N ASN C 59 0.17 4.78 -12.32
CA ASN C 59 0.40 6.13 -11.82
C ASN C 59 1.38 6.79 -12.76
N THR C 60 0.92 7.80 -13.49
CA THR C 60 1.75 8.47 -14.47
C THR C 60 1.87 9.93 -14.10
N SER C 61 2.94 10.26 -13.39
CA SER C 61 3.18 11.63 -12.94
C SER C 61 1.91 12.27 -12.36
N GLY C 62 1.16 11.50 -11.60
CA GLY C 62 -0.02 12.02 -10.93
C GLY C 62 -1.35 11.59 -11.54
N VAL C 63 -1.32 11.11 -12.78
CA VAL C 63 -2.53 10.62 -13.42
C VAL C 63 -2.74 9.18 -12.96
N LEU C 64 -3.78 8.93 -12.20
CA LEU C 64 -4.01 7.59 -11.66
C LEU C 64 -5.11 6.89 -12.45
N THR C 65 -4.84 5.66 -12.90
CA THR C 65 -5.87 4.91 -13.59
C THR C 65 -6.06 3.54 -12.92
N LEU C 66 -7.30 3.10 -12.85
CA LEU C 66 -7.62 1.76 -12.38
C LEU C 66 -8.41 1.07 -13.48
N GLU C 67 -7.88 -0.04 -13.98
N GLU C 67 -7.90 -0.04 -13.97
CA GLU C 67 -8.57 -0.84 -14.97
CA GLU C 67 -8.57 -0.82 -15.00
C GLU C 67 -9.17 -2.06 -14.30
C GLU C 67 -9.13 -2.10 -14.40
N ILE C 68 -10.41 -2.38 -14.65
CA ILE C 68 -11.05 -3.58 -14.17
C ILE C 68 -11.49 -4.36 -15.41
N LEU C 69 -10.93 -5.56 -15.61
CA LEU C 69 -11.25 -6.32 -16.84
C LEU C 69 -12.46 -7.24 -16.62
N ASP C 70 -13.26 -7.41 -17.68
CA ASP C 70 -14.34 -8.40 -17.69
C ASP C 70 -15.25 -8.21 -16.49
N CYS C 71 -15.88 -7.05 -16.41
CA CYS C 71 -16.74 -6.70 -15.28
C CYS C 71 -17.94 -7.62 -15.11
N HIS C 72 -18.07 -8.17 -13.91
CA HIS C 72 -19.24 -8.94 -13.52
C HIS C 72 -19.99 -8.13 -12.47
N THR C 73 -21.16 -8.61 -12.07
CA THR C 73 -22.01 -7.91 -11.11
C THR C 73 -21.31 -7.62 -9.78
N ASP C 74 -20.50 -8.55 -9.30
CA ASP C 74 -19.77 -8.33 -8.03
C ASP C 74 -18.68 -7.25 -8.12
N ASP C 75 -18.43 -6.73 -9.32
CA ASP C 75 -17.48 -5.63 -9.46
C ASP C 75 -18.15 -4.28 -9.21
N SER C 76 -19.47 -4.27 -9.11
CA SER C 76 -20.21 -3.05 -8.79
C SER C 76 -19.84 -2.57 -7.40
N GLY C 77 -20.17 -1.32 -7.10
CA GLY C 77 -19.92 -0.80 -5.78
C GLY C 77 -19.03 0.42 -5.78
N THR C 78 -18.44 0.68 -4.62
CA THR C 78 -17.70 1.90 -4.38
C THR C 78 -16.20 1.66 -4.52
N TYR C 79 -15.59 2.45 -5.40
CA TYR C 79 -14.14 2.43 -5.54
C TYR C 79 -13.59 3.70 -4.91
N ARG C 80 -12.53 3.54 -4.13
CA ARG C 80 -11.90 4.64 -3.45
C ARG C 80 -10.40 4.69 -3.74
N ALA C 81 -9.93 5.86 -4.13
CA ALA C 81 -8.49 6.09 -4.32
C ALA C 81 -8.07 7.00 -3.20
N VAL C 82 -7.03 6.61 -2.48
CA VAL C 82 -6.56 7.41 -1.36
C VAL C 82 -5.12 7.82 -1.65
N CYS C 83 -4.85 9.13 -1.61
CA CYS C 83 -3.52 9.67 -1.88
C CYS C 83 -2.99 10.26 -0.60
N THR C 84 -1.79 9.84 -0.21
CA THR C 84 -1.25 10.22 1.09
C THR C 84 0.16 10.76 0.98
N ASN C 85 0.43 11.86 1.68
CA ASN C 85 1.80 12.27 1.93
C ASN C 85 1.90 12.77 3.38
N TYR C 86 3.08 13.22 3.80
CA TYR C 86 3.23 13.55 5.22
C TYR C 86 2.34 14.73 5.68
N LYS C 87 1.88 15.55 4.73
CA LYS C 87 1.05 16.73 5.05
C LYS C 87 -0.44 16.38 5.21
N GLY C 88 -0.86 15.24 4.68
CA GLY C 88 -2.25 14.82 4.80
C GLY C 88 -2.64 13.85 3.71
N GLU C 89 -3.95 13.68 3.52
CA GLU C 89 -4.42 12.81 2.47
C GLU C 89 -5.64 13.37 1.79
N ALA C 90 -5.87 12.92 0.57
CA ALA C 90 -7.07 13.24 -0.18
C ALA C 90 -7.66 11.93 -0.70
N SER C 91 -8.98 11.83 -0.66
CA SER C 91 -9.67 10.61 -1.08
C SER C 91 -10.68 10.97 -2.15
N ASP C 92 -10.86 10.06 -3.09
CA ASP C 92 -11.88 10.21 -4.10
C ASP C 92 -12.69 8.92 -4.13
N TYR C 93 -14.01 9.06 -4.03
CA TYR C 93 -14.96 7.95 -4.06
C TYR C 93 -15.78 8.01 -5.34
N ALA C 94 -15.94 6.87 -6.01
CA ALA C 94 -16.83 6.79 -7.17
C ALA C 94 -17.45 5.41 -7.22
N THR C 95 -18.62 5.29 -7.84
CA THR C 95 -19.33 4.03 -7.89
C THR C 95 -19.34 3.45 -9.30
N LEU C 96 -19.32 2.12 -9.37
CA LEU C 96 -19.45 1.41 -10.63
C LEU C 96 -20.77 0.65 -10.60
N ASP C 97 -21.56 0.83 -11.65
CA ASP C 97 -22.80 0.10 -11.82
C ASP C 97 -22.62 -0.84 -12.99
N VAL C 98 -22.37 -2.12 -12.71
CA VAL C 98 -22.22 -3.11 -13.77
C VAL C 98 -23.61 -3.61 -14.15
N THR C 99 -24.05 -3.26 -15.36
CA THR C 99 -25.44 -3.40 -15.75
C THR C 99 -25.64 -4.54 -16.73
N GLY C 100 -26.78 -5.23 -16.61
CA GLY C 100 -27.08 -6.37 -17.46
C GLY C 100 -27.81 -5.98 -18.73
S SO4 D . 19.63 -12.53 -21.28
O1 SO4 D . 19.64 -11.59 -22.39
O2 SO4 D . 18.46 -12.25 -20.44
O3 SO4 D . 19.53 -13.89 -21.82
O4 SO4 D . 20.86 -12.40 -20.52
S SO4 E . 9.50 13.36 -5.10
O1 SO4 E . 9.48 13.82 -6.49
O2 SO4 E . 8.46 14.05 -4.35
O3 SO4 E . 9.25 11.93 -5.08
O4 SO4 E . 10.80 13.63 -4.52
S SO4 F . 26.04 -0.39 -18.96
O1 SO4 F . 26.58 0.93 -19.31
O2 SO4 F . 24.59 -0.42 -19.18
O3 SO4 F . 26.66 -1.40 -19.82
O4 SO4 F . 26.31 -0.69 -17.56
S SO4 G . 10.81 18.61 12.93
O1 SO4 G . 11.16 19.35 11.72
O2 SO4 G . 9.52 17.97 12.73
O3 SO4 G . 11.84 17.59 13.17
O4 SO4 G . 10.75 19.51 14.07
S SO4 H . 29.73 -8.70 -3.57
O1 SO4 H . 31.18 -8.84 -3.64
O2 SO4 H . 29.32 -7.57 -4.39
O3 SO4 H . 29.11 -9.93 -4.05
O4 SO4 H . 29.33 -8.49 -2.18
S SO4 I . -8.08 6.26 5.70
O1 SO4 I . -7.19 6.46 4.58
O2 SO4 I . -8.86 7.47 5.88
O3 SO4 I . -8.99 5.13 5.46
O4 SO4 I . -7.27 5.90 6.86
S SO4 J . -26.86 -10.99 -11.19
O1 SO4 J . -26.56 -9.98 -12.20
O2 SO4 J . -27.55 -10.43 -10.04
O3 SO4 J . -27.71 -12.01 -11.83
O4 SO4 J . -25.61 -11.58 -10.71
#